data_9J8T
#
_entry.id   9J8T
#
_cell.length_a   98.848
_cell.length_b   80.659
_cell.length_c   51.502
_cell.angle_alpha   90.000
_cell.angle_beta   114.540
_cell.angle_gamma   90.000
#
_symmetry.space_group_name_H-M   'C 1 2 1'
#
loop_
_entity.id
_entity.type
_entity.pdbx_description
1 polymer '3C-like proteinase nsp5'
2 polymer TYR-DSG-DLE-DPN-DGN-ARG-DTH-DAS-DTR-DTH-ALO-DGN-DTY-CCJ-GLY-NH2
3 water water
#
loop_
_entity_poly.entity_id
_entity_poly.type
_entity_poly.pdbx_seq_one_letter_code
_entity_poly.pdbx_strand_id
1 'polypeptide(L)'
;SGFRKMAFPSGKVEGCMVQVTCGTTTLNGLWLDDVVYCPRHVICTSEDMLNPNYEDLLIRKSNHNFLVQAGNVQLRVIGH
SMQNCVLKLKVDTANPKTPKYKFVRIQPGQTFSVLACYNGSPSGVYQCAMRPNFTIKGSFLNGSCGSVGFNIDYDCVSFC
YMHHMELPTGVHAGTDLEGNFYGPFVDRQTAQAAGTDTTITVNVLAWLYAAVINGDRWFLNRFTTTLNDFNLVAMKYNYE
PLTQDHVDILGPLSAQTGIAVLDMCASLKELLQNGMNGRTILGSALLEDEFTPFDVVRQCSGVTFQ
;
A
2 'polypeptide(D)' Y(DSG)(DLE)(DPN)(DGN)R(DTH)(DAS)(DTR)(DTH)(ALO)(DGN)(DTY)(CCJ)G(NH2) C
#
loop_
_chem_comp.id
_chem_comp.type
_chem_comp.name
_chem_comp.formula
NH2 non-polymer 'AMINO GROUP' 'H2 N'
#
# COMPACT_ATOMS: atom_id res chain seq x y z
N SER A 1 -25.98 3.71 6.81
CA SER A 1 -25.57 2.99 5.61
C SER A 1 -24.63 3.80 4.73
N GLY A 2 -24.53 3.39 3.47
CA GLY A 2 -23.52 3.91 2.58
C GLY A 2 -22.24 3.10 2.63
N PHE A 3 -21.52 3.11 1.53
CA PHE A 3 -20.26 2.37 1.50
C PHE A 3 -19.22 3.17 0.73
N ARG A 4 -18.10 3.46 1.40
CA ARG A 4 -17.12 4.36 0.75
C ARG A 4 -15.69 3.97 1.15
N LYS A 5 -14.76 4.08 0.21
CA LYS A 5 -13.37 3.82 0.50
C LYS A 5 -12.92 4.70 1.66
N MET A 6 -12.56 4.07 2.76
CA MET A 6 -12.39 4.74 4.05
C MET A 6 -10.96 4.56 4.54
N ALA A 7 -10.36 5.61 5.07
CA ALA A 7 -9.01 5.49 5.57
C ALA A 7 -9.03 5.55 7.10
N PHE A 8 -8.00 4.98 7.71
CA PHE A 8 -7.87 5.09 9.16
C PHE A 8 -7.55 6.52 9.56
N PRO A 9 -7.98 6.95 10.73
CA PRO A 9 -7.57 8.27 11.21
C PRO A 9 -6.05 8.32 11.29
N SER A 10 -5.49 9.45 10.88
CA SER A 10 -4.06 9.51 10.62
C SER A 10 -3.28 10.15 11.75
N GLY A 11 -3.97 10.65 12.78
CA GLY A 11 -3.28 11.42 13.82
C GLY A 11 -2.07 10.70 14.39
N LYS A 12 -2.23 9.41 14.71
CA LYS A 12 -1.11 8.69 15.36
C LYS A 12 0.10 8.57 14.42
N VAL A 13 -0.09 8.56 13.11
CA VAL A 13 1.11 8.51 12.21
C VAL A 13 1.62 9.93 11.98
N GLU A 14 0.73 10.91 11.92
CA GLU A 14 1.16 12.27 11.63
C GLU A 14 2.29 12.71 12.55
N GLY A 15 2.18 12.42 13.85
CA GLY A 15 3.23 12.78 14.80
C GLY A 15 4.54 12.03 14.66
N CYS A 16 4.65 11.12 13.71
CA CYS A 16 5.91 10.40 13.52
C CYS A 16 6.64 10.85 12.28
N MET A 17 6.00 11.61 11.40
CA MET A 17 6.61 11.98 10.14
C MET A 17 7.64 13.08 10.36
N VAL A 18 8.84 12.87 9.85
CA VAL A 18 9.90 13.87 9.88
C VAL A 18 10.43 14.05 8.46
N GLN A 19 11.39 14.95 8.32
CA GLN A 19 12.00 15.26 7.05
C GLN A 19 13.48 14.93 7.13
N VAL A 20 13.98 14.26 6.10
CA VAL A 20 15.33 13.74 6.10
C VAL A 20 16.01 14.26 4.84
N THR A 21 17.16 14.90 5.02
CA THR A 21 17.94 15.45 3.94
C THR A 21 19.33 14.83 4.00
N CYS A 22 19.86 14.50 2.83
CA CYS A 22 21.22 13.97 2.74
C CYS A 22 21.73 14.39 1.37
N GLY A 23 22.63 15.37 1.36
CA GLY A 23 23.03 15.94 0.09
C GLY A 23 21.90 16.81 -0.46
N THR A 24 21.62 16.66 -1.74
CA THR A 24 20.60 17.44 -2.42
C THR A 24 19.27 16.69 -2.56
N THR A 25 19.02 15.72 -1.70
CA THR A 25 17.80 14.94 -1.71
C THR A 25 17.05 15.10 -0.39
N THR A 26 15.76 15.42 -0.46
CA THR A 26 14.90 15.46 0.70
C THR A 26 13.73 14.49 0.52
N LEU A 27 13.40 13.76 1.58
CA LEU A 27 12.24 12.87 1.59
C LEU A 27 11.78 12.71 3.04
N ASN A 28 10.77 11.87 3.24
CA ASN A 28 10.15 11.72 4.55
C ASN A 28 10.74 10.55 5.33
N GLY A 29 10.75 10.69 6.66
CA GLY A 29 11.18 9.63 7.53
C GLY A 29 10.14 9.36 8.61
N LEU A 30 10.21 8.17 9.17
CA LEU A 30 9.29 7.73 10.21
C LEU A 30 10.02 7.62 11.54
N TRP A 31 9.60 8.44 12.51
CA TRP A 31 10.30 8.65 13.77
C TRP A 31 9.60 7.90 14.88
N LEU A 32 10.19 6.80 15.34
CA LEU A 32 9.64 6.00 16.43
C LEU A 32 10.72 5.74 17.47
N ASP A 33 10.41 6.03 18.72
CA ASP A 33 11.39 5.98 19.79
C ASP A 33 12.55 6.86 19.32
N ASP A 34 13.81 6.42 19.40
CA ASP A 34 14.94 7.23 19.01
C ASP A 34 15.51 6.85 17.63
N VAL A 35 14.65 6.38 16.72
CA VAL A 35 15.06 5.87 15.42
C VAL A 35 14.19 6.50 14.35
N VAL A 36 14.82 6.97 13.27
CA VAL A 36 14.12 7.47 12.09
C VAL A 36 14.38 6.50 10.95
N TYR A 37 13.31 6.05 10.30
CA TYR A 37 13.39 5.12 9.18
C TYR A 37 13.07 5.86 7.88
N CYS A 38 13.82 5.56 6.82
CA CYS A 38 13.55 6.19 5.54
C CYS A 38 14.17 5.35 4.44
N PRO A 39 13.77 5.57 3.19
CA PRO A 39 14.35 4.82 2.07
C PRO A 39 15.85 5.03 2.04
N ARG A 40 16.59 3.94 1.83
CA ARG A 40 18.04 4.08 1.82
C ARG A 40 18.51 4.82 0.58
N HIS A 41 17.69 4.89 -0.46
CA HIS A 41 18.19 5.58 -1.65
C HIS A 41 18.36 7.08 -1.41
N VAL A 42 18.04 7.58 -0.23
CA VAL A 42 18.37 8.97 0.10
C VAL A 42 19.88 9.21 -0.01
N ILE A 43 20.69 8.25 0.45
CA ILE A 43 22.18 8.46 0.52
C ILE A 43 22.81 8.28 -0.86
N CYS A 44 21.99 8.19 -1.90
CA CYS A 44 22.51 8.04 -3.26
C CYS A 44 22.09 9.23 -4.10
N THR A 45 23.04 9.80 -4.83
CA THR A 45 22.76 10.93 -5.71
C THR A 45 22.07 10.46 -6.99
N SER A 46 21.20 11.31 -7.54
CA SER A 46 20.48 10.98 -8.76
C SER A 46 21.43 10.49 -9.84
N GLU A 47 22.58 11.15 -9.98
CA GLU A 47 23.55 10.82 -11.05
C GLU A 47 24.12 9.41 -10.86
N ASP A 48 23.87 8.79 -9.72
CA ASP A 48 24.46 7.48 -9.43
C ASP A 48 23.43 6.38 -9.21
N MET A 49 22.14 6.66 -9.38
CA MET A 49 21.13 5.63 -9.20
C MET A 49 21.38 4.42 -10.10
N LEU A 50 22.04 4.64 -11.25
CA LEU A 50 22.25 3.53 -12.23
C LEU A 50 23.00 2.38 -11.55
N ASN A 51 24.08 2.68 -10.83
CA ASN A 51 24.93 1.63 -10.23
C ASN A 51 25.30 2.03 -8.81
N PRO A 52 24.39 1.93 -7.83
CA PRO A 52 24.76 2.23 -6.44
C PRO A 52 25.29 0.99 -5.75
N ASN A 53 26.36 1.19 -4.97
CA ASN A 53 26.73 0.19 -3.98
C ASN A 53 26.45 0.83 -2.64
N TYR A 54 25.32 0.47 -2.05
CA TYR A 54 24.89 1.11 -0.79
C TYR A 54 25.85 0.80 0.34
N GLU A 55 26.43 -0.41 0.36
CA GLU A 55 27.44 -0.66 1.37
C GLU A 55 28.50 0.43 1.34
N ASP A 56 29.08 0.68 0.16
CA ASP A 56 30.09 1.73 0.05
C ASP A 56 29.52 3.09 0.41
N LEU A 57 28.32 3.40 -0.10
CA LEU A 57 27.74 4.71 0.15
C LEU A 57 27.55 4.95 1.65
N LEU A 58 27.19 3.91 2.39
CA LEU A 58 26.97 4.10 3.81
C LEU A 58 28.29 4.21 4.57
N ILE A 59 29.34 3.55 4.10
CA ILE A 59 30.66 3.70 4.76
C ILE A 59 31.17 5.13 4.60
N ARG A 60 30.77 5.83 3.53
CA ARG A 60 31.35 7.18 3.21
C ARG A 60 30.53 8.33 3.79
N LYS A 61 29.48 8.02 4.53
CA LYS A 61 28.65 9.02 5.17
C LYS A 61 29.03 9.09 6.64
N SER A 62 28.73 10.23 7.25
CA SER A 62 28.82 10.40 8.69
C SER A 62 27.47 10.83 9.23
N ASN A 63 27.33 10.71 10.56
CA ASN A 63 26.08 11.12 11.20
C ASN A 63 25.68 12.53 10.76
N HIS A 64 26.65 13.43 10.63
CA HIS A 64 26.33 14.81 10.30
C HIS A 64 26.03 15.03 8.82
N ASN A 65 26.00 13.98 7.99
CA ASN A 65 25.53 14.18 6.63
C ASN A 65 24.02 14.09 6.51
N PHE A 66 23.32 13.71 7.57
CA PHE A 66 21.87 13.58 7.56
C PHE A 66 21.27 14.70 8.40
N LEU A 67 20.43 15.53 7.79
CA LEU A 67 19.69 16.56 8.50
C LEU A 67 18.26 16.06 8.68
N VAL A 68 17.94 15.73 9.94
CA VAL A 68 16.56 15.28 10.27
C VAL A 68 15.85 16.46 10.94
N GLN A 69 14.60 16.71 10.56
CA GLN A 69 13.82 17.83 11.06
C GLN A 69 12.41 17.42 11.42
N ALA A 70 12.06 17.58 12.70
CA ALA A 70 10.71 17.39 13.21
C ALA A 70 10.07 18.76 13.36
N GLY A 71 9.18 19.11 12.42
CA GLY A 71 8.67 20.46 12.32
C GLY A 71 9.80 21.47 12.36
N ASN A 72 9.83 22.30 13.40
CA ASN A 72 10.89 23.28 13.58
C ASN A 72 12.08 22.74 14.34
N VAL A 73 11.94 21.59 15.00
CA VAL A 73 12.96 21.07 15.90
C VAL A 73 13.85 20.12 15.12
N GLN A 74 15.15 20.39 15.15
CA GLN A 74 16.09 19.54 14.42
C GLN A 74 16.51 18.39 15.32
N LEU A 75 16.47 17.19 14.73
CA LEU A 75 16.89 15.98 15.46
C LEU A 75 18.34 15.73 15.08
N ARG A 76 19.15 15.30 16.04
CA ARG A 76 20.57 15.10 15.82
C ARG A 76 20.85 13.62 15.69
N VAL A 77 21.44 13.23 14.56
CA VAL A 77 21.70 11.82 14.29
C VAL A 77 22.97 11.43 15.03
N ILE A 78 22.86 10.41 15.90
CA ILE A 78 24.00 9.90 16.66
C ILE A 78 24.42 8.53 16.20
N GLY A 79 23.73 7.96 15.22
CA GLY A 79 24.12 6.70 14.63
C GLY A 79 23.37 6.51 13.34
N HIS A 80 23.93 5.72 12.43
CA HIS A 80 23.24 5.46 11.17
C HIS A 80 23.48 4.03 10.74
N SER A 81 22.47 3.43 10.13
CA SER A 81 22.45 2.00 9.88
C SER A 81 21.66 1.72 8.62
N MET A 82 21.83 0.53 8.06
CA MET A 82 21.05 0.14 6.85
C MET A 82 20.49 -1.28 6.97
N GLN A 83 19.18 -1.41 7.20
CA GLN A 83 18.52 -2.74 7.24
C GLN A 83 17.92 -2.97 5.85
N ASN A 84 18.43 -3.94 5.11
CA ASN A 84 18.01 -4.14 3.74
C ASN A 84 17.86 -2.81 3.00
N CYS A 85 16.69 -2.48 2.45
CA CYS A 85 16.59 -1.24 1.69
C CYS A 85 16.13 -0.03 2.52
N VAL A 86 16.14 -0.14 3.85
CA VAL A 86 15.74 0.94 4.73
C VAL A 86 16.94 1.43 5.54
N LEU A 87 17.02 2.74 5.68
CA LEU A 87 18.07 3.36 6.49
C LEU A 87 17.51 3.64 7.88
N LYS A 88 18.32 3.37 8.90
CA LYS A 88 17.93 3.63 10.31
C LYS A 88 18.86 4.71 10.92
N LEU A 89 18.35 5.93 11.12
CA LEU A 89 19.11 7.02 11.74
C LEU A 89 18.76 7.06 13.22
N LYS A 90 19.72 6.69 14.07
CA LYS A 90 19.51 6.81 15.50
C LYS A 90 19.70 8.27 15.90
N VAL A 91 18.73 8.83 16.62
CA VAL A 91 18.73 10.23 16.99
C VAL A 91 18.78 10.34 18.51
N ASP A 92 19.05 11.55 19.01
CA ASP A 92 19.27 11.73 20.47
C ASP A 92 17.97 11.67 21.27
N THR A 93 16.84 12.06 20.68
CA THR A 93 15.63 12.15 21.48
C THR A 93 14.60 11.15 20.94
N ALA A 94 14.10 10.31 21.83
CA ALA A 94 12.92 9.50 21.56
C ALA A 94 11.72 10.40 21.25
N ASN A 95 10.99 10.04 20.19
CA ASN A 95 9.77 10.81 19.83
C ASN A 95 8.78 10.65 20.98
N PRO A 96 8.27 11.73 21.60
CA PRO A 96 7.29 11.57 22.69
C PRO A 96 5.89 11.30 22.18
N LYS A 97 5.69 11.37 20.87
CA LYS A 97 4.40 11.07 20.29
C LYS A 97 4.36 9.65 19.71
N THR A 98 5.33 8.81 20.08
CA THR A 98 5.43 7.43 19.60
C THR A 98 4.23 6.59 20.06
N PRO A 99 3.40 6.14 19.15
CA PRO A 99 2.28 5.27 19.55
C PRO A 99 2.78 3.85 19.75
N LYS A 100 1.97 3.05 20.43
CA LYS A 100 2.12 1.62 20.31
C LYS A 100 2.13 1.28 18.82
N TYR A 101 3.04 0.43 18.39
CA TYR A 101 3.10 0.09 16.98
C TYR A 101 3.63 -1.31 16.81
N LYS A 102 3.48 -1.81 15.59
CA LYS A 102 4.13 -3.04 15.12
C LYS A 102 4.57 -2.85 13.69
N PHE A 103 5.56 -3.64 13.29
CA PHE A 103 5.94 -3.77 11.89
C PHE A 103 5.40 -5.10 11.38
N VAL A 104 4.48 -5.03 10.42
CA VAL A 104 3.84 -6.22 9.87
C VAL A 104 3.96 -6.16 8.36
N ARG A 105 4.12 -7.31 7.72
CA ARG A 105 4.09 -7.37 6.27
C ARG A 105 2.75 -7.91 5.83
N ILE A 106 2.11 -7.22 4.88
CA ILE A 106 0.83 -7.66 4.36
C ILE A 106 1.04 -8.49 3.11
N GLN A 107 -0.03 -9.34 2.75
CA GLN A 107 -0.29 -10.19 1.61
C GLN A 107 -0.97 -9.41 0.48
N PRO A 108 -0.70 -9.75 -0.80
CA PRO A 108 -1.48 -9.15 -1.88
C PRO A 108 -2.96 -9.38 -1.63
N GLY A 109 -3.76 -8.35 -1.91
CA GLY A 109 -5.18 -8.37 -1.64
C GLY A 109 -5.60 -7.70 -0.34
N GLN A 110 -4.70 -7.53 0.61
CA GLN A 110 -5.03 -6.75 1.80
C GLN A 110 -4.90 -5.27 1.49
N THR A 111 -5.58 -4.45 2.28
CA THR A 111 -5.59 -3.01 2.11
C THR A 111 -4.84 -2.32 3.25
N PHE A 112 -4.60 -1.01 3.10
CA PHE A 112 -4.01 -0.23 4.17
C PHE A 112 -4.14 1.24 3.84
N SER A 113 -3.95 2.06 4.89
CA SER A 113 -4.09 3.53 4.74
C SER A 113 -2.73 4.18 4.49
N VAL A 114 -2.63 4.97 3.43
CA VAL A 114 -1.42 5.69 3.06
C VAL A 114 -1.53 7.10 3.59
N LEU A 115 -0.43 7.60 4.17
CA LEU A 115 -0.33 9.00 4.57
C LEU A 115 0.72 9.65 3.68
N ALA A 116 0.27 10.21 2.56
CA ALA A 116 1.14 10.88 1.63
C ALA A 116 1.73 12.13 2.29
N CYS A 117 3.05 12.29 2.16
CA CYS A 117 3.80 13.31 2.88
C CYS A 117 4.80 13.97 1.96
N TYR A 118 5.01 15.27 2.19
CA TYR A 118 6.03 16.04 1.51
C TYR A 118 6.79 16.88 2.53
N ASN A 119 8.13 16.80 2.49
CA ASN A 119 8.99 17.57 3.39
C ASN A 119 8.66 17.31 4.86
N GLY A 120 8.25 16.09 5.19
CA GLY A 120 7.85 15.76 6.54
C GLY A 120 6.47 16.20 6.95
N SER A 121 5.73 16.88 6.07
CA SER A 121 4.42 17.39 6.41
C SER A 121 3.34 16.54 5.76
N PRO A 122 2.47 15.91 6.54
CA PRO A 122 1.39 15.10 5.94
C PRO A 122 0.46 15.96 5.11
N SER A 123 0.10 15.44 3.93
CA SER A 123 -0.69 16.15 2.92
C SER A 123 -2.03 15.48 2.59
N GLY A 124 -2.17 14.16 2.77
CA GLY A 124 -3.40 13.49 2.39
C GLY A 124 -3.38 12.04 2.85
N VAL A 125 -4.56 11.45 3.03
CA VAL A 125 -4.61 10.06 3.46
C VAL A 125 -5.69 9.36 2.64
N TYR A 126 -5.42 8.10 2.29
CA TYR A 126 -6.33 7.34 1.47
C TYR A 126 -5.96 5.85 1.52
N GLN A 127 -6.95 5.03 1.22
CA GLN A 127 -6.85 3.59 1.32
C GLN A 127 -6.20 3.00 0.07
N CYS A 128 -5.36 1.99 0.24
CA CYS A 128 -4.79 1.27 -0.90
C CYS A 128 -4.89 -0.23 -0.65
N ALA A 129 -4.85 -0.99 -1.74
CA ALA A 129 -4.74 -2.44 -1.68
C ALA A 129 -3.42 -2.86 -2.33
N MET A 130 -2.80 -3.89 -1.77
CA MET A 130 -1.62 -4.50 -2.38
C MET A 130 -2.07 -5.32 -3.56
N ARG A 131 -1.76 -4.85 -4.77
CA ARG A 131 -2.10 -5.62 -5.96
C ARG A 131 -1.43 -7.00 -5.92
N PRO A 132 -2.04 -8.00 -6.56
CA PRO A 132 -1.37 -9.31 -6.68
C PRO A 132 0.02 -9.24 -7.32
N ASN A 133 0.36 -8.19 -8.06
CA ASN A 133 1.71 -8.04 -8.60
C ASN A 133 2.60 -7.18 -7.70
N PHE A 134 2.17 -6.88 -6.49
CA PHE A 134 2.99 -6.22 -5.47
C PHE A 134 3.26 -4.74 -5.79
N THR A 135 2.36 -4.10 -6.52
CA THR A 135 2.31 -2.64 -6.67
C THR A 135 1.05 -2.13 -5.96
N ILE A 136 1.01 -0.83 -5.72
CA ILE A 136 -0.23 -0.17 -5.28
C ILE A 136 -0.54 0.95 -6.26
N LYS A 137 -1.83 1.20 -6.47
CA LYS A 137 -2.34 2.34 -7.24
C LYS A 137 -2.54 3.52 -6.28
N GLY A 138 -1.48 4.29 -6.04
CA GLY A 138 -1.51 5.40 -5.12
C GLY A 138 -1.55 6.75 -5.82
N SER A 139 -1.21 7.79 -5.05
CA SER A 139 -1.08 9.13 -5.61
C SER A 139 0.09 9.80 -4.91
N PHE A 140 1.19 9.95 -5.62
CA PHE A 140 2.43 10.43 -5.04
C PHE A 140 3.12 11.36 -6.01
N LEU A 141 3.63 12.48 -5.50
CA LEU A 141 4.45 13.37 -6.30
C LEU A 141 5.89 13.35 -5.81
N ASN A 142 6.76 14.04 -6.54
CA ASN A 142 8.13 14.19 -6.10
C ASN A 142 8.19 14.61 -4.64
N GLY A 143 9.02 13.92 -3.86
CA GLY A 143 9.16 14.20 -2.45
C GLY A 143 8.32 13.32 -1.57
N SER A 144 7.61 12.37 -2.18
CA SER A 144 6.65 11.49 -1.48
C SER A 144 7.36 10.32 -0.82
N CYS A 145 8.54 9.97 -1.31
CA CYS A 145 9.20 8.79 -0.76
C CYS A 145 9.36 8.94 0.75
N GLY A 146 9.34 7.81 1.43
CA GLY A 146 9.27 7.80 2.87
C GLY A 146 7.88 7.91 3.45
N SER A 147 6.86 8.22 2.65
CA SER A 147 5.48 8.06 3.08
C SER A 147 5.23 6.62 3.47
N VAL A 148 4.30 6.41 4.42
CA VAL A 148 4.07 5.07 4.96
C VAL A 148 2.60 4.70 4.90
N GLY A 149 2.36 3.37 4.88
CA GLY A 149 1.02 2.83 4.95
C GLY A 149 0.85 2.04 6.22
N PHE A 150 -0.41 2.00 6.64
CA PHE A 150 -0.66 1.40 7.96
C PHE A 150 -2.10 1.03 8.23
N ASN A 151 -2.28 0.12 9.16
CA ASN A 151 -3.59 -0.21 9.70
C ASN A 151 -3.60 0.11 11.18
N ILE A 152 -4.80 0.38 11.70
CA ILE A 152 -4.99 0.69 13.12
C ILE A 152 -5.81 -0.42 13.74
N ASP A 153 -5.26 -1.06 14.76
CA ASP A 153 -5.90 -2.11 15.54
C ASP A 153 -5.97 -1.61 16.99
N TYR A 154 -7.01 -0.84 17.30
CA TYR A 154 -7.27 -0.40 18.67
C TYR A 154 -6.03 0.29 19.27
N ASP A 155 -5.73 1.47 18.72
CA ASP A 155 -4.66 2.32 19.24
C ASP A 155 -3.27 1.81 18.91
N CYS A 156 -3.16 0.59 18.38
CA CYS A 156 -1.89 0.03 17.95
C CYS A 156 -1.74 0.20 16.44
N VAL A 157 -0.65 0.86 16.04
CA VAL A 157 -0.43 1.18 14.60
C VAL A 157 0.41 0.08 13.94
N SER A 158 -0.16 -0.59 12.94
CA SER A 158 0.54 -1.62 12.19
C SER A 158 1.12 -0.96 10.95
N PHE A 159 2.42 -0.67 10.97
CA PHE A 159 3.07 -0.17 9.77
C PHE A 159 3.35 -1.36 8.84
N CYS A 160 2.96 -1.22 7.56
CA CYS A 160 3.17 -2.30 6.59
C CYS A 160 3.81 -1.85 5.28
N TYR A 161 3.93 -0.56 5.02
CA TYR A 161 4.43 -0.06 3.74
C TYR A 161 5.26 1.18 3.98
N MET A 162 6.38 1.29 3.27
CA MET A 162 7.08 2.56 3.09
C MET A 162 7.29 2.77 1.60
N HIS A 163 6.98 3.99 1.13
CA HIS A 163 7.02 4.30 -0.30
C HIS A 163 8.45 4.54 -0.77
N HIS A 164 8.82 3.86 -1.85
CA HIS A 164 10.16 4.01 -2.41
C HIS A 164 10.15 4.52 -3.84
N MET A 165 9.17 4.17 -4.66
CA MET A 165 9.28 4.63 -6.04
C MET A 165 7.97 4.51 -6.81
N GLU A 166 7.99 5.10 -8.00
CA GLU A 166 6.82 5.05 -8.90
C GLU A 166 7.25 4.42 -10.23
N LEU A 167 6.69 3.24 -10.52
CA LEU A 167 7.00 2.48 -11.76
C LEU A 167 6.49 3.25 -12.96
N PRO A 168 6.91 2.90 -14.20
CA PRO A 168 6.56 3.73 -15.37
C PRO A 168 5.10 3.68 -15.75
N THR A 169 4.36 2.66 -15.33
CA THR A 169 2.94 2.73 -15.63
C THR A 169 2.21 3.71 -14.71
N GLY A 170 2.89 4.36 -13.80
CA GLY A 170 2.21 5.23 -12.88
C GLY A 170 1.72 4.58 -11.63
N VAL A 171 2.15 3.35 -11.33
CA VAL A 171 1.85 2.72 -10.05
C VAL A 171 3.09 2.75 -9.16
N HIS A 172 2.94 2.30 -7.92
CA HIS A 172 3.86 2.62 -6.86
C HIS A 172 4.42 1.36 -6.20
N ALA A 173 5.70 1.41 -5.82
CA ALA A 173 6.39 0.27 -5.25
C ALA A 173 7.13 0.70 -4.00
N GLY A 174 7.26 -0.24 -3.06
CA GLY A 174 7.91 0.08 -1.80
C GLY A 174 8.23 -1.19 -1.04
N THR A 175 8.56 -1.01 0.24
CA THR A 175 9.04 -2.06 1.11
C THR A 175 8.16 -2.15 2.35
N ASP A 176 8.37 -3.20 3.14
CA ASP A 176 7.84 -3.12 4.50
C ASP A 176 8.82 -2.30 5.33
N LEU A 177 8.52 -2.16 6.62
CA LEU A 177 9.38 -1.37 7.49
C LEU A 177 10.63 -2.11 7.93
N GLU A 178 10.85 -3.34 7.47
CA GLU A 178 12.16 -3.97 7.58
C GLU A 178 13.02 -3.75 6.34
N GLY A 179 12.50 -3.03 5.35
CA GLY A 179 13.29 -2.68 4.19
C GLY A 179 13.27 -3.72 3.11
N ASN A 180 12.37 -4.70 3.21
CA ASN A 180 12.22 -5.76 2.25
C ASN A 180 11.14 -5.37 1.28
N PHE A 181 11.52 -5.25 0.01
CA PHE A 181 10.60 -4.86 -1.03
C PHE A 181 9.44 -5.83 -1.13
N TYR A 182 8.28 -5.28 -1.47
CA TYR A 182 7.17 -6.05 -2.00
C TYR A 182 7.39 -6.22 -3.49
N GLY A 183 7.59 -7.46 -3.95
CA GLY A 183 7.70 -7.75 -5.37
C GLY A 183 9.11 -7.65 -5.93
N PRO A 184 9.25 -7.88 -7.25
CA PRO A 184 10.58 -7.99 -7.87
C PRO A 184 11.18 -6.64 -8.24
N PHE A 185 11.14 -5.71 -7.32
CA PHE A 185 11.59 -4.35 -7.58
C PHE A 185 12.82 -4.08 -6.74
N VAL A 186 13.74 -3.33 -7.32
CA VAL A 186 14.99 -2.95 -6.68
C VAL A 186 15.10 -1.43 -6.69
N ASP A 187 15.79 -0.89 -5.69
CA ASP A 187 15.98 0.56 -5.64
C ASP A 187 17.24 0.97 -6.40
N ARG A 188 17.21 0.70 -7.72
CA ARG A 188 18.23 1.19 -8.65
C ARG A 188 17.60 1.41 -10.02
N GLN A 189 18.19 2.35 -10.76
CA GLN A 189 17.69 2.70 -12.07
C GLN A 189 17.77 1.50 -13.03
N THR A 190 16.62 1.02 -13.47
CA THR A 190 16.51 -0.11 -14.38
C THR A 190 15.21 0.03 -15.15
N ALA A 191 15.06 -0.77 -16.17
CA ALA A 191 13.81 -0.74 -16.91
C ALA A 191 12.67 -1.43 -16.19
N GLN A 192 12.86 -1.83 -14.94
CA GLN A 192 11.87 -2.60 -14.19
C GLN A 192 10.44 -2.08 -14.31
N ALA A 193 9.48 -2.98 -14.46
CA ALA A 193 8.10 -2.57 -14.67
C ALA A 193 7.14 -3.52 -13.96
N ALA A 194 5.94 -3.03 -13.71
CA ALA A 194 4.92 -3.88 -13.10
C ALA A 194 4.68 -5.13 -13.95
N GLY A 195 4.65 -6.30 -13.29
CA GLY A 195 4.21 -7.51 -13.96
C GLY A 195 2.71 -7.51 -14.20
N THR A 196 2.21 -8.53 -14.91
CA THR A 196 0.78 -8.59 -15.17
C THR A 196 0.02 -8.76 -13.86
N ASP A 197 -1.08 -8.02 -13.77
CA ASP A 197 -1.89 -8.09 -12.52
C ASP A 197 -3.07 -9.01 -12.76
N THR A 198 -3.84 -9.26 -11.71
CA THR A 198 -5.01 -10.12 -11.74
C THR A 198 -6.02 -9.52 -10.77
N THR A 199 -7.29 -9.89 -10.95
CA THR A 199 -8.37 -9.36 -10.09
C THR A 199 -8.43 -10.17 -8.79
N ILE A 200 -8.65 -9.49 -7.68
CA ILE A 200 -8.66 -10.11 -6.35
C ILE A 200 -10.08 -10.61 -6.07
N THR A 201 -10.30 -11.91 -6.28
CA THR A 201 -11.66 -12.43 -6.34
C THR A 201 -12.40 -12.29 -5.01
N VAL A 202 -11.77 -12.73 -3.91
CA VAL A 202 -12.48 -12.74 -2.63
C VAL A 202 -12.99 -11.35 -2.32
N ASN A 203 -12.22 -10.32 -2.68
CA ASN A 203 -12.63 -8.94 -2.42
C ASN A 203 -13.87 -8.56 -3.23
N VAL A 204 -13.97 -9.01 -4.48
CA VAL A 204 -15.15 -8.67 -5.28
C VAL A 204 -16.41 -9.21 -4.64
N LEU A 205 -16.33 -10.41 -4.07
CA LEU A 205 -17.46 -10.97 -3.34
C LEU A 205 -17.76 -10.16 -2.08
N ALA A 206 -16.72 -9.75 -1.36
CA ALA A 206 -16.91 -8.86 -0.22
C ALA A 206 -17.74 -7.64 -0.62
N TRP A 207 -17.33 -7.01 -1.73
CA TRP A 207 -17.97 -5.79 -2.19
C TRP A 207 -19.40 -6.06 -2.68
N LEU A 208 -19.67 -7.26 -3.20
CA LEU A 208 -21.05 -7.61 -3.55
C LEU A 208 -21.90 -7.80 -2.30
N TYR A 209 -21.34 -8.41 -1.24
CA TYR A 209 -22.06 -8.43 0.03
C TYR A 209 -22.31 -7.00 0.52
N ALA A 210 -21.29 -6.14 0.43
CA ALA A 210 -21.50 -4.76 0.85
C ALA A 210 -22.66 -4.14 0.08
N ALA A 211 -22.78 -4.46 -1.21
CA ALA A 211 -23.83 -3.87 -2.02
C ALA A 211 -25.22 -4.36 -1.59
N VAL A 212 -25.38 -5.66 -1.33
CA VAL A 212 -26.72 -6.10 -0.89
C VAL A 212 -27.04 -5.50 0.48
N ILE A 213 -26.03 -5.40 1.36
CA ILE A 213 -26.28 -4.80 2.66
C ILE A 213 -26.71 -3.34 2.50
N ASN A 214 -26.37 -2.70 1.39
CA ASN A 214 -26.77 -1.33 1.12
C ASN A 214 -27.94 -1.23 0.14
N GLY A 215 -28.65 -2.32 -0.11
CA GLY A 215 -29.85 -2.26 -0.91
C GLY A 215 -29.69 -2.48 -2.41
N ASP A 216 -28.47 -2.69 -2.91
CA ASP A 216 -28.26 -3.05 -4.32
C ASP A 216 -28.37 -4.57 -4.45
N ARG A 217 -29.41 -5.03 -5.13
CA ARG A 217 -29.72 -6.46 -5.18
C ARG A 217 -30.03 -6.97 -6.58
N TRP A 218 -29.90 -6.12 -7.61
CA TRP A 218 -30.35 -6.43 -8.96
C TRP A 218 -29.54 -7.53 -9.64
N PHE A 219 -28.37 -7.89 -9.08
CA PHE A 219 -27.51 -8.94 -9.61
C PHE A 219 -27.69 -10.28 -8.91
N LEU A 220 -28.51 -10.34 -7.87
CA LEU A 220 -28.73 -11.61 -7.19
C LEU A 220 -29.55 -12.53 -8.09
N ASN A 221 -29.33 -13.83 -7.96
CA ASN A 221 -30.14 -14.78 -8.70
C ASN A 221 -30.28 -16.06 -7.89
N ARG A 222 -31.22 -16.89 -8.31
CA ARG A 222 -31.55 -18.10 -7.57
C ARG A 222 -30.48 -19.18 -7.68
N PHE A 223 -29.52 -19.05 -8.60
CA PHE A 223 -28.59 -20.13 -8.86
C PHE A 223 -27.48 -20.16 -7.83
N THR A 224 -26.90 -21.33 -7.66
CA THR A 224 -25.63 -21.46 -6.97
C THR A 224 -24.71 -22.33 -7.83
N THR A 225 -23.42 -22.16 -7.61
CA THR A 225 -22.41 -22.79 -8.43
C THR A 225 -21.49 -23.63 -7.53
N THR A 226 -20.75 -24.54 -8.15
CA THR A 226 -19.70 -25.26 -7.42
C THR A 226 -18.42 -24.44 -7.40
N LEU A 227 -17.61 -24.65 -6.36
CA LEU A 227 -16.33 -23.94 -6.27
C LEU A 227 -15.48 -24.16 -7.52
N ASN A 228 -15.37 -25.41 -7.98
CA ASN A 228 -14.51 -25.71 -9.13
C ASN A 228 -15.02 -25.06 -10.40
N ASP A 229 -16.33 -25.12 -10.63
CA ASP A 229 -16.90 -24.52 -11.83
C ASP A 229 -16.66 -23.01 -11.84
N PHE A 230 -16.96 -22.34 -10.72
CA PHE A 230 -16.70 -20.90 -10.63
C PHE A 230 -15.26 -20.59 -10.97
N ASN A 231 -14.33 -21.42 -10.50
CA ASN A 231 -12.90 -21.14 -10.71
C ASN A 231 -12.49 -21.31 -12.16
N LEU A 232 -13.17 -22.19 -12.89
CA LEU A 232 -12.93 -22.28 -14.32
C LEU A 232 -13.29 -20.99 -15.02
N VAL A 233 -14.39 -20.36 -14.62
CA VAL A 233 -14.78 -19.09 -15.21
C VAL A 233 -13.86 -17.97 -14.74
N ALA A 234 -13.62 -17.91 -13.42
CA ALA A 234 -12.73 -16.88 -12.88
C ALA A 234 -11.43 -16.79 -13.66
N MET A 235 -10.72 -17.91 -13.79
CA MET A 235 -9.45 -17.87 -14.52
C MET A 235 -9.62 -17.38 -15.94
N LYS A 236 -10.80 -17.55 -16.54
CA LYS A 236 -10.97 -17.12 -17.93
C LYS A 236 -10.94 -15.59 -17.97
N TYR A 237 -11.36 -14.95 -16.89
CA TYR A 237 -11.43 -13.49 -16.84
C TYR A 237 -10.30 -12.91 -16.03
N ASN A 238 -9.22 -13.65 -15.83
CA ASN A 238 -8.05 -13.18 -15.11
C ASN A 238 -8.37 -12.87 -13.65
N TYR A 239 -9.28 -13.63 -13.05
CA TYR A 239 -9.56 -13.51 -11.62
C TYR A 239 -8.76 -14.55 -10.86
N GLU A 240 -8.21 -14.17 -9.72
CA GLU A 240 -7.48 -15.13 -8.92
C GLU A 240 -8.43 -16.24 -8.48
N PRO A 241 -7.91 -17.44 -8.29
CA PRO A 241 -8.78 -18.56 -7.90
C PRO A 241 -9.35 -18.37 -6.49
N LEU A 242 -10.54 -18.90 -6.27
CA LEU A 242 -11.19 -18.81 -4.97
C LEU A 242 -10.97 -20.11 -4.21
N THR A 243 -10.62 -20.00 -2.93
CA THR A 243 -10.36 -21.17 -2.12
C THR A 243 -11.43 -21.33 -1.04
N GLN A 244 -11.51 -22.54 -0.50
CA GLN A 244 -12.39 -22.80 0.64
C GLN A 244 -12.14 -21.82 1.77
N ASP A 245 -10.88 -21.48 2.01
CA ASP A 245 -10.55 -20.55 3.08
C ASP A 245 -11.16 -19.18 2.80
N HIS A 246 -11.08 -18.72 1.55
CA HIS A 246 -11.78 -17.49 1.18
C HIS A 246 -13.26 -17.62 1.47
N VAL A 247 -13.84 -18.78 1.12
CA VAL A 247 -15.27 -18.99 1.40
C VAL A 247 -15.52 -18.85 2.89
N ASP A 248 -14.70 -19.52 3.71
CA ASP A 248 -14.85 -19.41 5.16
C ASP A 248 -14.71 -17.96 5.62
N ILE A 249 -13.84 -17.19 4.98
CA ILE A 249 -13.64 -15.81 5.44
C ILE A 249 -14.89 -14.97 5.18
N LEU A 250 -15.65 -15.30 4.15
CA LEU A 250 -16.85 -14.56 3.79
C LEU A 250 -18.08 -15.03 4.57
N GLY A 251 -17.92 -16.05 5.41
CA GLY A 251 -18.97 -16.56 6.26
C GLY A 251 -19.79 -15.48 6.95
N PRO A 252 -19.11 -14.60 7.71
CA PRO A 252 -19.85 -13.57 8.45
C PRO A 252 -20.70 -12.69 7.57
N LEU A 253 -20.24 -12.40 6.35
CA LEU A 253 -21.03 -11.60 5.43
C LEU A 253 -22.20 -12.37 4.86
N SER A 254 -21.97 -13.66 4.60
CA SER A 254 -23.04 -14.54 4.06
C SER A 254 -24.14 -14.70 5.11
N ALA A 255 -23.77 -14.81 6.39
CA ALA A 255 -24.76 -14.98 7.45
C ALA A 255 -25.52 -13.68 7.71
N GLN A 256 -24.88 -12.53 7.54
CA GLN A 256 -25.58 -11.26 7.75
C GLN A 256 -26.59 -11.00 6.63
N THR A 257 -26.36 -11.59 5.47
CA THR A 257 -27.23 -11.38 4.28
C THR A 257 -28.06 -12.62 4.00
N GLY A 258 -27.66 -13.76 4.57
CA GLY A 258 -28.33 -15.01 4.26
C GLY A 258 -28.14 -15.50 2.84
N ILE A 259 -27.12 -15.01 2.13
CA ILE A 259 -26.81 -15.51 0.80
C ILE A 259 -25.52 -16.30 0.91
N ALA A 260 -25.59 -17.59 0.61
CA ALA A 260 -24.41 -18.44 0.64
C ALA A 260 -23.36 -17.91 -0.32
N VAL A 261 -22.10 -18.22 -0.03
CA VAL A 261 -20.99 -17.72 -0.85
C VAL A 261 -21.13 -18.24 -2.28
N LEU A 262 -21.26 -19.55 -2.45
CA LEU A 262 -21.42 -20.09 -3.80
C LEU A 262 -22.66 -19.55 -4.49
N ASP A 263 -23.61 -19.03 -3.73
CA ASP A 263 -24.76 -18.36 -4.39
C ASP A 263 -24.25 -17.05 -4.99
N MET A 264 -23.59 -16.22 -4.18
CA MET A 264 -23.02 -15.01 -4.73
C MET A 264 -22.08 -15.31 -5.91
N CYS A 265 -21.30 -16.38 -5.83
CA CYS A 265 -20.42 -16.74 -6.94
C CYS A 265 -21.19 -16.86 -8.24
N ALA A 266 -22.32 -17.58 -8.20
CA ALA A 266 -23.19 -17.65 -9.37
C ALA A 266 -23.58 -16.26 -9.86
N SER A 267 -23.78 -15.32 -8.93
CA SER A 267 -24.02 -13.93 -9.33
C SER A 267 -22.80 -13.31 -10.00
N LEU A 268 -21.59 -13.58 -9.47
CA LEU A 268 -20.39 -13.00 -10.04
C LEU A 268 -20.08 -13.61 -11.41
N LYS A 269 -20.25 -14.92 -11.55
CA LYS A 269 -20.13 -15.56 -12.86
C LYS A 269 -20.96 -14.82 -13.91
N GLU A 270 -22.26 -14.64 -13.64
CA GLU A 270 -23.14 -13.99 -14.63
C GLU A 270 -22.68 -12.56 -14.93
N LEU A 271 -22.28 -11.81 -13.90
CA LEU A 271 -21.74 -10.47 -14.15
C LEU A 271 -20.53 -10.52 -15.07
N LEU A 272 -19.62 -11.47 -14.84
CA LEU A 272 -18.42 -11.56 -15.68
C LEU A 272 -18.75 -11.82 -17.14
N GLN A 273 -19.83 -12.56 -17.42
CA GLN A 273 -20.14 -12.97 -18.78
C GLN A 273 -21.09 -12.04 -19.51
N ASN A 274 -21.84 -11.20 -18.80
CA ASN A 274 -22.76 -10.26 -19.44
C ASN A 274 -22.49 -8.81 -19.11
N GLY A 275 -21.61 -8.52 -18.14
CA GLY A 275 -21.56 -7.17 -17.69
C GLY A 275 -22.85 -6.78 -16.97
N MET A 276 -23.00 -5.48 -16.77
CA MET A 276 -24.06 -4.95 -15.93
C MET A 276 -25.25 -4.42 -16.72
N ASN A 277 -25.12 -4.29 -18.04
CA ASN A 277 -26.22 -3.85 -18.90
C ASN A 277 -26.71 -2.46 -18.47
N GLY A 278 -25.76 -1.54 -18.29
CA GLY A 278 -26.05 -0.16 -17.99
C GLY A 278 -26.40 0.15 -16.56
N ARG A 279 -26.37 -0.85 -15.67
CA ARG A 279 -26.67 -0.59 -14.27
C ARG A 279 -25.37 -0.32 -13.50
N THR A 280 -25.51 -0.03 -12.21
CA THR A 280 -24.33 0.15 -11.37
C THR A 280 -24.55 -0.56 -10.05
N ILE A 281 -23.43 -0.82 -9.38
CA ILE A 281 -23.40 -1.46 -8.07
C ILE A 281 -22.65 -0.50 -7.16
N LEU A 282 -23.29 -0.09 -6.07
CA LEU A 282 -22.69 0.89 -5.17
C LEU A 282 -22.08 2.06 -5.95
N GLY A 283 -22.83 2.56 -6.93
CA GLY A 283 -22.43 3.73 -7.68
C GLY A 283 -21.27 3.55 -8.65
N SER A 284 -20.86 2.32 -8.95
CA SER A 284 -19.77 2.07 -9.87
C SER A 284 -20.22 1.22 -11.04
N ALA A 285 -19.62 1.46 -12.21
CA ALA A 285 -19.91 0.68 -13.41
C ALA A 285 -18.90 -0.44 -13.66
N LEU A 286 -18.00 -0.70 -12.71
CA LEU A 286 -17.08 -1.83 -12.79
C LEU A 286 -17.11 -2.61 -11.48
N LEU A 287 -16.58 -3.82 -11.53
CA LEU A 287 -16.47 -4.64 -10.34
C LEU A 287 -15.25 -4.19 -9.54
N GLU A 288 -15.44 -3.90 -8.24
CA GLU A 288 -14.38 -3.33 -7.43
C GLU A 288 -13.73 -4.43 -6.59
N ASP A 289 -12.40 -4.47 -6.57
CA ASP A 289 -11.69 -5.52 -5.87
C ASP A 289 -10.74 -5.00 -4.80
N GLU A 290 -10.95 -3.76 -4.31
CA GLU A 290 -10.04 -3.19 -3.32
C GLU A 290 -10.65 -3.05 -1.92
N PHE A 291 -11.74 -3.76 -1.64
CA PHE A 291 -12.28 -3.87 -0.28
C PHE A 291 -12.15 -5.33 0.17
N THR A 292 -11.45 -5.56 1.27
CA THR A 292 -11.34 -6.89 1.86
C THR A 292 -12.63 -7.25 2.58
N PRO A 293 -12.81 -8.51 2.96
CA PRO A 293 -13.98 -8.85 3.79
C PRO A 293 -14.04 -8.06 5.10
N PHE A 294 -12.88 -7.75 5.67
CA PHE A 294 -12.84 -7.00 6.93
C PHE A 294 -13.22 -5.54 6.73
N ASP A 295 -12.77 -4.93 5.62
CA ASP A 295 -13.20 -3.57 5.30
C ASP A 295 -14.72 -3.49 5.18
N VAL A 296 -15.35 -4.55 4.67
CA VAL A 296 -16.79 -4.50 4.53
C VAL A 296 -17.46 -4.66 5.88
N VAL A 297 -17.04 -5.67 6.65
CA VAL A 297 -17.60 -5.87 7.98
C VAL A 297 -17.53 -4.58 8.78
N ARG A 298 -16.43 -3.84 8.62
CA ARG A 298 -16.16 -2.65 9.43
C ARG A 298 -17.10 -1.49 9.10
N GLN A 299 -17.55 -1.36 7.85
CA GLN A 299 -18.63 -0.43 7.51
C GLN A 299 -20.00 -1.10 7.41
N CYS A 300 -20.08 -2.42 7.42
CA CYS A 300 -21.31 -3.14 7.05
C CYS A 300 -21.85 -2.64 5.70
N TYR B 1 12.68 6.75 -16.43
CA TYR B 1 11.49 7.19 -15.72
C TYR B 1 11.86 7.81 -14.37
N DSG B 2 10.99 8.70 -13.90
CA DSG B 2 11.04 9.22 -12.54
C DSG B 2 10.92 8.15 -11.47
O DSG B 2 9.83 7.92 -10.96
CB DSG B 2 12.27 10.10 -12.29
CG DSG B 2 12.02 11.04 -11.13
OD1 DSG B 2 12.71 10.97 -10.11
ND2 DSG B 2 11.06 11.93 -11.28
N DLE B 3 12.04 7.51 -11.11
CA DLE B 3 12.02 6.26 -10.38
CB DLE B 3 11.35 5.18 -11.22
CG DLE B 3 12.27 4.04 -11.67
CD1 DLE B 3 12.72 4.25 -13.10
CD2 DLE B 3 13.47 3.92 -10.76
C DLE B 3 11.32 6.40 -9.02
O DLE B 3 10.11 6.22 -8.93
N DPN B 4 12.08 6.72 -7.97
CA DPN B 4 12.80 7.98 -7.86
C DPN B 4 12.06 8.97 -6.99
O DPN B 4 12.37 9.13 -5.82
CB DPN B 4 14.21 7.75 -7.30
CG DPN B 4 14.66 6.31 -7.35
CD1 DPN B 4 14.31 5.42 -6.36
CD2 DPN B 4 15.42 5.85 -8.41
CE1 DPN B 4 14.72 4.09 -6.41
CE2 DPN B 4 15.83 4.53 -8.46
CZ DPN B 4 15.48 3.66 -7.46
N DGN B 5 11.09 9.67 -7.58
CA DGN B 5 10.33 10.62 -6.80
C DGN B 5 11.04 11.98 -6.79
O DGN B 5 10.88 12.74 -5.84
CB DGN B 5 8.87 10.70 -7.28
CG DGN B 5 8.29 9.33 -7.57
CD DGN B 5 6.88 9.18 -7.04
OE1 DGN B 5 6.58 8.27 -6.27
NE2 DGN B 5 6.00 10.08 -7.45
N ARG B 6 11.85 12.25 -7.80
CA ARG B 6 12.92 13.22 -7.65
C ARG B 6 12.68 14.45 -8.52
N DTH B 7 12.43 15.59 -7.88
CA DTH B 7 13.51 16.43 -7.42
CB DTH B 7 13.10 17.19 -6.14
CG2 DTH B 7 12.31 16.29 -5.20
OG1 DTH B 7 12.32 18.32 -6.50
C DTH B 7 13.96 17.38 -8.53
O DTH B 7 13.13 18.06 -9.13
N DAS B 8 15.26 17.41 -8.80
CA DAS B 8 15.89 16.33 -9.56
C DAS B 8 15.32 16.21 -10.96
O DAS B 8 14.52 17.05 -11.38
CB DAS B 8 17.41 16.47 -9.61
CG DAS B 8 18.09 15.54 -8.62
OD1 DAS B 8 19.32 15.36 -8.74
OD2 DAS B 8 17.38 15.01 -7.75
N DTR B 9 15.71 15.17 -11.69
CA DTR B 9 14.85 14.60 -12.71
CB DTR B 9 14.28 13.26 -12.24
CG DTR B 9 14.74 12.06 -13.01
CD1 DTR B 9 14.30 11.64 -14.23
NE1 DTR B 9 14.93 10.50 -14.60
CE2 DTR B 9 15.80 10.12 -13.60
CZ2 DTR B 9 16.66 9.03 -13.52
CH2 DTR B 9 17.42 8.91 -12.38
CZ3 DTR B 9 17.33 9.85 -11.35
CE3 DTR B 9 16.49 10.93 -11.43
CD2 DTR B 9 15.70 11.08 -12.58
C DTR B 9 15.63 14.44 -14.02
O DTR B 9 15.06 14.60 -15.09
N DTH B 10 16.92 14.11 -13.91
CA DTH B 10 17.79 13.91 -15.05
CB DTH B 10 17.99 15.23 -15.84
CG2 DTH B 10 18.29 16.39 -14.92
OG1 DTH B 10 16.82 15.51 -16.62
C DTH B 10 17.34 12.75 -15.93
O DTH B 10 17.47 11.59 -15.53
N ALO B 11 16.83 13.04 -17.13
CA ALO B 11 16.61 12.03 -18.13
CB ALO B 11 15.37 12.36 -18.98
CG2 ALO B 11 14.77 13.69 -18.59
OG1 ALO B 11 14.41 11.31 -18.82
C ALO B 11 17.79 11.84 -19.06
O ALO B 11 17.81 12.40 -20.16
N DGN B 12 18.79 11.07 -18.63
CA DGN B 12 19.86 11.62 -17.81
C DGN B 12 20.77 10.51 -17.26
O DGN B 12 21.32 9.73 -18.02
CB DGN B 12 20.66 12.68 -18.57
CG DGN B 12 20.37 14.09 -18.09
CD DGN B 12 20.97 14.37 -16.74
OE1 DGN B 12 20.84 13.59 -15.80
NE2 DGN B 12 21.64 15.50 -16.62
N DTY B 13 20.93 10.48 -15.93
CA DTY B 13 19.97 9.81 -15.06
C DTY B 13 19.97 8.31 -15.35
O DTY B 13 20.95 7.63 -15.08
CB DTY B 13 20.31 10.06 -13.59
CG DTY B 13 20.64 11.50 -13.27
CD1 DTY B 13 21.90 12.00 -13.53
CD2 DTY B 13 19.71 12.34 -12.70
CE1 DTY B 13 22.23 13.32 -13.23
CE2 DTY B 13 20.02 13.65 -12.39
CZ DTY B 13 21.28 14.14 -12.65
OH DTY B 13 21.61 15.42 -12.36
N CCJ B 14 18.86 7.83 -15.88
CA CCJ B 14 18.30 8.35 -17.10
CB CCJ B 14 16.77 8.39 -17.07
SG CCJ B 14 16.12 6.74 -17.37
CD CCJ B 14 14.47 7.11 -18.02
CE CCJ B 14 13.54 7.63 -16.94
OZ1 CCJ B 14 13.62 8.80 -16.58
C CCJ B 14 18.75 7.60 -18.36
O CCJ B 14 19.39 6.55 -18.23
N GLY B 15 18.43 8.14 -19.53
CA GLY B 15 17.66 7.41 -20.50
C GLY B 15 16.50 8.18 -21.09
N NH2 B 16 16.32 9.42 -20.61
#